data_7CVW
#
_entry.id   7CVW
#
_cell.length_a   42.689
_cell.length_b   98.226
_cell.length_c   101.773
_cell.angle_alpha   90.000
_cell.angle_beta   90.000
_cell.angle_gamma   90.000
#
_symmetry.space_group_name_H-M   'P 21 21 21'
#
loop_
_entity.id
_entity.type
_entity.pdbx_description
1 polymer 'O-methyltransferase family 3'
2 non-polymer 'MAGNESIUM ION'
3 non-polymer GLYCEROL
4 non-polymer S-ADENOSYL-L-HOMOCYSTEINE
5 water water
#
_entity_poly.entity_id   1
_entity_poly.type   'polypeptide(L)'
_entity_poly.pdbx_seq_one_letter_code
;MNNQIFESVDHYISDLLGYEDDALLAATNSLAEAGMPAISVSPNQGKFLQLLAQLCQAKNILELGTLAGYSTIWMARALP
KNGRLITLEYDPKHAAVAQKNIDRAGLTSQVQIRTGKAIDILPQLVEEGAGPFDMIFIDADKPPYTEYFQWALRLSRPGT
LIVADNVIRDGKVLDENSTEPAVQGARRFNAMLGANTAVDATILQMVGVKEYDGMALAIVKLEHHHHHH
;
_entity_poly.pdbx_strand_id   A,B
#
loop_
_chem_comp.id
_chem_comp.type
_chem_comp.name
_chem_comp.formula
GOL non-polymer GLYCEROL 'C3 H8 O3'
MG non-polymer 'MAGNESIUM ION' 'Mg 2'
#
# COMPACT_ATOMS: atom_id res chain seq x y z
N ASN A 3 14.31 -6.61 13.60
CA ASN A 3 14.66 -7.89 14.29
C ASN A 3 14.58 -9.05 13.28
N GLN A 4 15.05 -10.21 13.76
CA GLN A 4 15.06 -11.50 13.02
C GLN A 4 13.65 -11.83 12.51
N ILE A 5 12.59 -11.68 13.31
CA ILE A 5 11.24 -12.14 12.87
C ILE A 5 10.87 -11.39 11.58
N PHE A 6 11.10 -10.07 11.54
CA PHE A 6 10.68 -9.28 10.35
C PHE A 6 11.46 -9.75 9.12
N GLU A 7 12.76 -10.04 9.28
CA GLU A 7 13.58 -10.56 8.15
C GLU A 7 13.04 -11.94 7.74
N SER A 8 12.80 -12.83 8.70
CA SER A 8 12.32 -14.20 8.37
C SER A 8 10.99 -14.10 7.62
N VAL A 9 10.09 -13.26 8.10
CA VAL A 9 8.76 -13.10 7.44
C VAL A 9 8.96 -12.50 6.04
N ASP A 10 9.88 -11.54 5.89
CA ASP A 10 10.12 -10.93 4.55
C ASP A 10 10.58 -12.04 3.59
N HIS A 11 11.43 -12.97 4.03
CA HIS A 11 11.93 -14.06 3.15
C HIS A 11 10.78 -15.01 2.78
N TYR A 12 9.92 -15.33 3.75
CA TYR A 12 8.70 -16.12 3.51
C TYR A 12 7.84 -15.46 2.41
N ILE A 13 7.61 -14.16 2.51
CA ILE A 13 6.79 -13.40 1.52
C ILE A 13 7.50 -13.37 0.16
N SER A 14 8.81 -13.11 0.11
CA SER A 14 9.51 -12.99 -1.20
C SER A 14 9.60 -14.37 -1.86
N ASP A 15 9.68 -15.44 -1.07
CA ASP A 15 9.65 -16.82 -1.62
C ASP A 15 8.32 -17.04 -2.34
N LEU A 16 7.21 -16.52 -1.79
CA LEU A 16 5.86 -16.68 -2.38
C LEU A 16 5.63 -15.69 -3.53
N LEU A 17 6.05 -14.44 -3.36
CA LEU A 17 5.49 -13.31 -4.15
C LEU A 17 6.55 -12.28 -4.52
N GLY A 18 7.85 -12.55 -4.33
CA GLY A 18 8.91 -11.57 -4.59
C GLY A 18 10.03 -12.13 -5.44
N TYR A 19 9.69 -12.96 -6.43
CA TYR A 19 10.72 -13.54 -7.34
C TYR A 19 11.47 -12.42 -8.06
N GLU A 20 12.79 -12.55 -8.07
CA GLU A 20 13.75 -11.63 -8.74
C GLU A 20 14.46 -12.37 -9.88
N ASP A 21 14.29 -11.88 -11.10
CA ASP A 21 14.97 -12.40 -12.30
C ASP A 21 16.44 -11.96 -12.35
N ASP A 22 17.15 -12.37 -13.39
CA ASP A 22 18.59 -12.03 -13.52
C ASP A 22 18.80 -10.52 -13.50
N ALA A 23 17.96 -9.71 -14.17
CA ALA A 23 18.21 -8.26 -14.26
C ALA A 23 18.15 -7.62 -12.87
N LEU A 24 17.19 -8.02 -12.02
CA LEU A 24 17.11 -7.47 -10.65
C LEU A 24 18.30 -7.94 -9.82
N LEU A 25 18.63 -9.23 -9.87
CA LEU A 25 19.76 -9.74 -9.07
C LEU A 25 21.05 -9.06 -9.52
N ALA A 26 21.20 -8.84 -10.83
CA ALA A 26 22.42 -8.21 -11.38
C ALA A 26 22.46 -6.75 -10.89
N ALA A 27 21.33 -6.05 -10.83
CA ALA A 27 21.31 -4.68 -10.28
C ALA A 27 21.81 -4.69 -8.83
N THR A 28 21.35 -5.61 -8.02
CA THR A 28 21.80 -5.72 -6.62
C THR A 28 23.30 -6.01 -6.60
N ASN A 29 23.76 -6.94 -7.42
CA ASN A 29 25.18 -7.33 -7.44
C ASN A 29 26.06 -6.15 -7.86
N SER A 30 25.53 -5.25 -8.69
CA SER A 30 26.33 -4.13 -9.23
C SER A 30 26.74 -3.19 -8.08
N LEU A 31 25.97 -3.15 -7.00
CA LEU A 31 26.22 -2.17 -5.91
C LEU A 31 27.59 -2.40 -5.29
N ALA A 32 27.89 -3.61 -4.83
CA ALA A 32 29.17 -3.81 -4.12
C ALA A 32 30.32 -3.60 -5.12
N GLU A 33 30.21 -4.11 -6.34
CA GLU A 33 31.25 -3.99 -7.40
C GLU A 33 31.56 -2.49 -7.66
N ALA A 34 30.53 -1.65 -7.63
CA ALA A 34 30.65 -0.21 -7.96
C ALA A 34 30.98 0.64 -6.74
N GLY A 35 31.06 0.05 -5.54
CA GLY A 35 31.31 0.80 -4.29
C GLY A 35 30.15 1.72 -3.95
N MET A 36 28.93 1.24 -4.18
CA MET A 36 27.67 2.01 -3.93
C MET A 36 27.00 1.49 -2.68
N PRO A 37 26.27 2.35 -1.95
CA PRO A 37 25.59 1.90 -0.74
C PRO A 37 24.47 0.90 -1.04
N ALA A 38 24.30 -0.07 -0.14
CA ALA A 38 23.34 -1.18 -0.28
C ALA A 38 21.98 -0.70 0.21
N ILE A 39 21.39 0.26 -0.47
CA ILE A 39 20.18 0.96 0.04
C ILE A 39 19.02 0.91 -0.96
N SER A 40 19.02 -0.03 -1.90
CA SER A 40 17.85 -0.25 -2.80
C SER A 40 16.62 -0.56 -1.96
N VAL A 41 15.44 -0.33 -2.53
CA VAL A 41 14.22 -0.95 -1.92
C VAL A 41 14.41 -2.47 -1.83
N SER A 42 13.71 -3.09 -0.90
CA SER A 42 13.73 -4.57 -0.76
C SER A 42 12.95 -5.18 -1.92
N PRO A 43 13.14 -6.48 -2.22
CA PRO A 43 12.33 -7.15 -3.22
C PRO A 43 10.82 -6.96 -3.02
N ASN A 44 10.35 -7.10 -1.78
CA ASN A 44 8.89 -7.03 -1.55
C ASN A 44 8.43 -5.58 -1.69
N GLN A 45 9.27 -4.60 -1.33
CA GLN A 45 8.94 -3.17 -1.57
C GLN A 45 8.90 -2.90 -3.07
N GLY A 46 9.82 -3.52 -3.83
CA GLY A 46 9.83 -3.41 -5.29
C GLY A 46 8.54 -3.91 -5.89
N LYS A 47 8.07 -5.07 -5.44
CA LYS A 47 6.80 -5.63 -5.93
C LYS A 47 5.64 -4.69 -5.56
N PHE A 48 5.66 -4.11 -4.36
CA PHE A 48 4.60 -3.17 -3.93
C PHE A 48 4.58 -1.95 -4.86
N LEU A 49 5.75 -1.35 -5.15
CA LEU A 49 5.83 -0.18 -6.07
C LEU A 49 5.28 -0.58 -7.44
N GLN A 50 5.59 -1.79 -7.90
CA GLN A 50 5.11 -2.26 -9.22
C GLN A 50 3.58 -2.34 -9.18
N LEU A 51 3.03 -2.89 -8.12
CA LEU A 51 1.55 -3.01 -7.99
C LEU A 51 0.91 -1.64 -7.95
N LEU A 52 1.49 -0.70 -7.23
CA LEU A 52 0.95 0.68 -7.16
C LEU A 52 0.95 1.28 -8.58
N ALA A 53 2.02 1.07 -9.35
CA ALA A 53 2.10 1.61 -10.72
C ALA A 53 0.97 0.99 -11.57
N GLN A 54 0.70 -0.30 -11.41
CA GLN A 54 -0.41 -0.97 -12.13
C GLN A 54 -1.75 -0.37 -11.69
N LEU A 55 -1.95 -0.12 -10.40
CA LEU A 55 -3.24 0.47 -9.92
C LEU A 55 -3.41 1.86 -10.52
N CYS A 56 -2.34 2.62 -10.69
CA CYS A 56 -2.32 3.97 -11.32
C CYS A 56 -2.56 3.85 -12.83
N GLN A 57 -2.53 2.65 -13.41
CA GLN A 57 -2.47 2.44 -14.89
C GLN A 57 -1.40 3.39 -15.43
N ALA A 58 -0.24 3.40 -14.78
CA ALA A 58 0.82 4.37 -15.10
C ALA A 58 1.32 4.18 -16.52
N LYS A 59 1.39 5.28 -17.25
CA LYS A 59 2.07 5.39 -18.57
C LYS A 59 3.32 6.28 -18.45
N ASN A 60 3.36 7.18 -17.46
CA ASN A 60 4.43 8.16 -17.27
C ASN A 60 4.81 8.18 -15.79
N ILE A 61 6.04 7.78 -15.49
CA ILE A 61 6.50 7.67 -14.08
C ILE A 61 7.72 8.54 -13.91
N LEU A 62 7.81 9.25 -12.77
CA LEU A 62 9.00 10.04 -12.40
C LEU A 62 9.59 9.44 -11.15
N GLU A 63 10.91 9.24 -11.13
CA GLU A 63 11.61 8.76 -9.93
C GLU A 63 12.75 9.72 -9.58
N LEU A 64 12.88 10.06 -8.31
CA LEU A 64 14.03 10.85 -7.81
C LEU A 64 14.90 9.88 -7.03
N GLY A 65 16.13 9.69 -7.48
CA GLY A 65 17.08 8.83 -6.79
C GLY A 65 17.10 7.45 -7.44
N THR A 66 18.02 7.22 -8.36
CA THR A 66 18.08 5.97 -9.14
C THR A 66 18.92 4.89 -8.45
N LEU A 67 20.05 5.31 -7.89
CA LEU A 67 21.05 4.34 -7.36
C LEU A 67 21.46 3.42 -8.52
N ALA A 68 21.22 2.11 -8.39
CA ALA A 68 21.59 1.14 -9.46
C ALA A 68 20.37 0.80 -10.33
N GLY A 69 19.24 1.46 -10.11
CA GLY A 69 18.04 1.24 -10.94
C GLY A 69 17.19 0.08 -10.47
N TYR A 70 17.37 -0.42 -9.25
CA TYR A 70 16.61 -1.58 -8.71
C TYR A 70 15.13 -1.21 -8.65
N SER A 71 14.79 -0.12 -7.96
CA SER A 71 13.38 0.35 -7.85
C SER A 71 12.88 0.67 -9.26
N THR A 72 13.75 1.26 -10.09
CA THR A 72 13.43 1.69 -11.47
C THR A 72 12.93 0.48 -12.28
N ILE A 73 13.64 -0.63 -12.20
CA ILE A 73 13.26 -1.84 -12.99
C ILE A 73 11.87 -2.33 -12.55
N TRP A 74 11.64 -2.48 -11.24
CA TRP A 74 10.32 -2.92 -10.72
C TRP A 74 9.22 -2.01 -11.28
N MET A 75 9.35 -0.70 -11.17
CA MET A 75 8.26 0.21 -11.65
C MET A 75 8.17 0.21 -13.17
N ALA A 76 9.28 0.24 -13.91
CA ALA A 76 9.23 0.36 -15.39
C ALA A 76 8.56 -0.88 -15.99
N ARG A 77 8.67 -2.02 -15.32
CA ARG A 77 8.01 -3.26 -15.80
C ARG A 77 6.48 -3.17 -15.73
N ALA A 78 5.90 -2.18 -15.04
CA ALA A 78 4.43 -1.98 -15.02
C ALA A 78 3.97 -1.19 -16.26
N LEU A 79 4.89 -0.54 -16.98
CA LEU A 79 4.53 0.38 -18.08
C LEU A 79 4.03 -0.39 -19.30
N PRO A 80 3.14 0.24 -20.10
CA PRO A 80 2.87 -0.27 -21.44
C PRO A 80 4.11 -0.03 -22.33
N LYS A 81 4.14 -0.59 -23.54
CA LYS A 81 5.36 -0.48 -24.39
C LYS A 81 5.63 0.98 -24.79
N ASN A 82 4.60 1.83 -24.84
CA ASN A 82 4.75 3.26 -25.21
C ASN A 82 4.89 4.14 -23.95
N GLY A 83 5.02 3.51 -22.77
CA GLY A 83 5.15 4.24 -21.50
C GLY A 83 6.57 4.68 -21.27
N ARG A 84 6.78 5.59 -20.32
CA ARG A 84 8.11 6.17 -20.05
C ARG A 84 8.31 6.33 -18.56
N LEU A 85 9.54 6.11 -18.11
CA LEU A 85 9.96 6.45 -16.74
C LEU A 85 11.19 7.35 -16.84
N ILE A 86 11.10 8.51 -16.22
CA ILE A 86 12.25 9.45 -16.10
C ILE A 86 12.79 9.33 -14.67
N THR A 87 14.07 9.06 -14.50
CA THR A 87 14.67 8.91 -13.15
C THR A 87 15.83 9.89 -13.04
N LEU A 88 15.97 10.52 -11.87
CA LEU A 88 16.96 11.59 -11.64
C LEU A 88 18.03 11.07 -10.69
N GLU A 89 19.29 11.21 -11.06
CA GLU A 89 20.42 10.70 -10.26
C GLU A 89 21.56 11.70 -10.30
N TYR A 90 21.99 12.19 -9.15
CA TYR A 90 23.04 13.23 -9.02
C TYR A 90 24.44 12.65 -9.30
N ASP A 91 24.69 11.41 -8.89
CA ASP A 91 26.05 10.83 -8.93
C ASP A 91 26.26 10.21 -10.32
N PRO A 92 27.19 10.75 -11.16
CA PRO A 92 27.39 10.23 -12.51
C PRO A 92 27.79 8.75 -12.57
N LYS A 93 28.51 8.29 -11.53
CA LYS A 93 28.91 6.87 -11.41
C LYS A 93 27.66 6.01 -11.19
N HIS A 94 26.79 6.41 -10.25
CA HIS A 94 25.51 5.71 -10.03
C HIS A 94 24.69 5.67 -11.31
N ALA A 95 24.63 6.80 -12.02
CA ALA A 95 23.80 6.89 -13.25
C ALA A 95 24.35 5.93 -14.29
N ALA A 96 25.68 5.82 -14.40
CA ALA A 96 26.32 4.92 -15.42
C ALA A 96 26.00 3.46 -15.05
N VAL A 97 26.06 3.13 -13.77
CA VAL A 97 25.76 1.76 -13.29
C VAL A 97 24.29 1.45 -13.54
N ALA A 98 23.39 2.38 -13.18
CA ALA A 98 21.95 2.19 -13.45
C ALA A 98 21.74 1.99 -14.95
N GLN A 99 22.44 2.75 -15.80
CA GLN A 99 22.17 2.67 -17.26
C GLN A 99 22.50 1.24 -17.75
N LYS A 100 23.62 0.68 -17.29
CA LYS A 100 24.01 -0.71 -17.67
C LYS A 100 22.93 -1.68 -17.19
N ASN A 101 22.40 -1.47 -15.98
CA ASN A 101 21.42 -2.39 -15.37
C ASN A 101 20.08 -2.30 -16.12
N ILE A 102 19.69 -1.09 -16.52
CA ILE A 102 18.46 -0.84 -17.32
C ILE A 102 18.61 -1.49 -18.71
N ASP A 103 19.81 -1.40 -19.28
CA ASP A 103 20.10 -1.99 -20.62
C ASP A 103 19.97 -3.51 -20.49
N ARG A 104 20.52 -4.10 -19.43
CA ARG A 104 20.47 -5.56 -19.20
C ARG A 104 19.00 -5.98 -19.10
N ALA A 105 18.16 -5.17 -18.46
CA ALA A 105 16.73 -5.47 -18.25
C ALA A 105 15.93 -5.23 -19.56
N GLY A 106 16.57 -4.75 -20.63
CA GLY A 106 15.86 -4.45 -21.90
C GLY A 106 14.98 -3.24 -21.81
N LEU A 107 15.25 -2.30 -20.91
CA LEU A 107 14.33 -1.16 -20.63
C LEU A 107 14.90 0.14 -21.20
N THR A 108 15.95 0.07 -22.02
CA THR A 108 16.65 1.27 -22.56
C THR A 108 15.66 2.22 -23.21
N SER A 109 14.71 1.70 -24.00
CA SER A 109 13.77 2.51 -24.81
C SER A 109 12.77 3.26 -23.91
N GLN A 110 12.50 2.75 -22.71
CA GLN A 110 11.39 3.25 -21.86
C GLN A 110 11.89 4.05 -20.65
N VAL A 111 13.17 3.97 -20.33
CA VAL A 111 13.69 4.64 -19.11
C VAL A 111 14.68 5.68 -19.55
N GLN A 112 14.52 6.91 -19.06
CA GLN A 112 15.48 8.00 -19.29
C GLN A 112 16.12 8.34 -17.94
N ILE A 113 17.43 8.18 -17.84
CA ILE A 113 18.19 8.58 -16.64
C ILE A 113 18.72 9.98 -16.89
N ARG A 114 18.41 10.92 -16.00
CA ARG A 114 18.92 12.31 -16.12
C ARG A 114 19.92 12.51 -15.00
N THR A 115 21.16 12.84 -15.35
CA THR A 115 22.29 12.90 -14.39
C THR A 115 22.46 14.33 -13.90
N GLY A 116 21.98 14.61 -12.69
CA GLY A 116 22.15 15.92 -12.05
C GLY A 116 21.32 16.01 -10.80
N LYS A 117 21.37 17.15 -10.12
CA LYS A 117 20.59 17.35 -8.88
C LYS A 117 19.10 17.41 -9.21
N ALA A 118 18.28 16.71 -8.44
CA ALA A 118 16.82 16.76 -8.66
C ALA A 118 16.33 18.21 -8.54
N ILE A 119 16.87 19.04 -7.65
CA ILE A 119 16.32 20.42 -7.48
C ILE A 119 16.63 21.26 -8.73
N ASP A 120 17.64 20.89 -9.52
CA ASP A 120 17.99 21.58 -10.79
C ASP A 120 17.13 21.00 -11.92
N ILE A 121 16.88 19.69 -11.92
CA ILE A 121 16.18 19.02 -13.04
C ILE A 121 14.66 19.19 -12.95
N LEU A 122 14.09 19.20 -11.75
CA LEU A 122 12.62 19.33 -11.59
C LEU A 122 12.12 20.57 -12.33
N PRO A 123 12.75 21.77 -12.19
CA PRO A 123 12.26 22.93 -12.95
C PRO A 123 12.45 22.78 -14.46
N GLN A 124 13.42 22.00 -14.89
CA GLN A 124 13.58 21.67 -16.33
C GLN A 124 12.35 20.89 -16.80
N LEU A 125 11.90 19.90 -16.02
CA LEU A 125 10.76 19.05 -16.42
C LEU A 125 9.51 19.93 -16.51
N VAL A 126 9.38 20.92 -15.61
CA VAL A 126 8.25 21.90 -15.68
C VAL A 126 8.37 22.71 -16.97
N GLU A 127 9.55 23.26 -17.27
CA GLU A 127 9.77 24.04 -18.51
C GLU A 127 9.46 23.19 -19.74
N GLU A 128 9.82 21.90 -19.73
CA GLU A 128 9.64 20.97 -20.87
C GLU A 128 8.17 20.58 -21.04
N GLY A 129 7.33 20.77 -20.02
CA GLY A 129 5.98 20.18 -20.01
C GLY A 129 6.05 18.66 -19.97
N ALA A 130 6.99 18.10 -19.20
CA ALA A 130 7.24 16.64 -19.17
C ALA A 130 6.10 15.93 -18.43
N GLY A 131 5.35 16.66 -17.62
CA GLY A 131 4.21 16.08 -16.89
C GLY A 131 2.97 15.98 -17.77
N PRO A 132 1.83 15.58 -17.20
CA PRO A 132 1.80 15.09 -15.82
C PRO A 132 2.24 13.63 -15.71
N PHE A 133 2.78 13.27 -14.55
CA PHE A 133 3.16 11.87 -14.25
C PHE A 133 2.01 11.20 -13.50
N ASP A 134 1.81 9.92 -13.77
CA ASP A 134 0.74 9.13 -13.11
C ASP A 134 1.21 8.71 -11.73
N MET A 135 2.53 8.50 -11.59
CA MET A 135 3.15 8.06 -10.32
C MET A 135 4.52 8.72 -10.19
N ILE A 136 4.85 9.17 -8.98
CA ILE A 136 6.12 9.84 -8.67
C ILE A 136 6.70 9.17 -7.44
N PHE A 137 7.94 8.71 -7.53
CA PHE A 137 8.66 8.07 -6.41
C PHE A 137 9.78 8.99 -5.98
N ILE A 138 9.65 9.57 -4.79
CA ILE A 138 10.67 10.46 -4.17
C ILE A 138 11.58 9.62 -3.29
N ASP A 139 12.84 9.46 -3.71
CA ASP A 139 13.77 8.56 -2.98
C ASP A 139 15.21 9.02 -3.18
N ALA A 140 15.44 10.33 -3.17
CA ALA A 140 16.82 10.81 -3.40
C ALA A 140 17.43 11.25 -2.06
N ASP A 141 18.13 12.39 -2.06
CA ASP A 141 18.60 12.93 -0.77
C ASP A 141 17.40 13.32 0.08
N LYS A 142 17.57 13.29 1.39
CA LYS A 142 16.43 13.34 2.33
C LYS A 142 16.08 14.76 2.77
N PRO A 143 17.05 15.65 3.11
CA PRO A 143 16.69 16.99 3.56
C PRO A 143 15.69 17.74 2.69
N PRO A 144 15.80 17.73 1.35
CA PRO A 144 14.87 18.49 0.49
C PRO A 144 13.59 17.77 0.07
N TYR A 145 13.25 16.66 0.70
CA TYR A 145 11.99 15.94 0.35
C TYR A 145 10.83 16.94 0.32
N THR A 146 10.75 17.85 1.28
CA THR A 146 9.65 18.85 1.35
C THR A 146 9.55 19.61 0.02
N GLU A 147 10.68 20.10 -0.50
CA GLU A 147 10.68 20.88 -1.75
C GLU A 147 10.43 19.97 -2.96
N TYR A 148 10.97 18.75 -2.94
CA TYR A 148 10.71 17.78 -4.02
C TYR A 148 9.20 17.56 -4.17
N PHE A 149 8.49 17.47 -3.05
CA PHE A 149 7.04 17.23 -3.06
C PHE A 149 6.32 18.42 -3.73
N GLN A 150 6.77 19.65 -3.48
CA GLN A 150 6.13 20.83 -4.12
C GLN A 150 6.32 20.77 -5.63
N TRP A 151 7.51 20.40 -6.10
CA TRP A 151 7.79 20.23 -7.54
C TRP A 151 6.95 19.07 -8.09
N ALA A 152 6.83 17.98 -7.34
CA ALA A 152 6.03 16.81 -7.77
C ALA A 152 4.59 17.28 -8.02
N LEU A 153 4.03 18.13 -7.18
CA LEU A 153 2.63 18.61 -7.39
C LEU A 153 2.54 19.40 -8.70
N ARG A 154 3.54 20.19 -9.02
CA ARG A 154 3.58 20.95 -10.30
C ARG A 154 3.59 19.99 -11.49
N LEU A 155 4.04 18.75 -11.31
CA LEU A 155 4.20 17.75 -12.40
C LEU A 155 3.12 16.66 -12.29
N SER A 156 2.04 16.92 -11.55
CA SER A 156 0.99 15.94 -11.24
C SER A 156 -0.28 16.26 -12.01
N ARG A 157 -1.18 15.28 -12.07
CA ARG A 157 -2.59 15.48 -12.48
C ARG A 157 -3.45 15.10 -11.29
N PRO A 158 -4.75 15.45 -11.27
CA PRO A 158 -5.67 14.85 -10.31
C PRO A 158 -5.57 13.32 -10.38
N GLY A 159 -5.32 12.67 -9.23
CA GLY A 159 -5.21 11.21 -9.14
C GLY A 159 -3.78 10.71 -9.16
N THR A 160 -2.80 11.55 -9.46
CA THR A 160 -1.38 11.15 -9.39
C THR A 160 -1.09 10.60 -8.00
N LEU A 161 -0.33 9.51 -7.94
CA LEU A 161 0.15 8.90 -6.70
C LEU A 161 1.59 9.36 -6.51
N ILE A 162 1.88 9.94 -5.34
CA ILE A 162 3.25 10.34 -4.95
C ILE A 162 3.61 9.46 -3.77
N VAL A 163 4.73 8.77 -3.89
CA VAL A 163 5.29 7.87 -2.85
C VAL A 163 6.63 8.45 -2.43
N ALA A 164 6.88 8.54 -1.13
CA ALA A 164 8.17 9.03 -0.60
C ALA A 164 8.73 7.97 0.32
N ASP A 165 9.95 7.48 0.07
CA ASP A 165 10.54 6.40 0.89
C ASP A 165 11.29 7.00 2.09
N ASN A 166 11.45 6.20 3.15
CA ASN A 166 12.39 6.50 4.27
C ASN A 166 11.90 7.69 5.10
N VAL A 167 10.63 7.67 5.50
CA VAL A 167 10.03 8.81 6.26
C VAL A 167 9.83 8.46 7.75
N ILE A 168 10.30 7.31 8.25
CA ILE A 168 10.14 6.89 9.67
C ILE A 168 11.50 6.68 10.35
N ARG A 169 12.50 6.13 9.65
CA ARG A 169 13.92 6.06 10.12
C ARG A 169 13.99 5.44 11.52
N ASP A 170 13.46 4.23 11.69
CA ASP A 170 13.61 3.41 12.90
C ASP A 170 12.89 4.11 14.06
N GLY A 171 11.92 5.00 13.77
CA GLY A 171 11.13 5.72 14.78
C GLY A 171 11.84 6.96 15.29
N LYS A 172 12.99 7.30 14.73
CA LYS A 172 13.79 8.48 15.16
C LYS A 172 13.03 9.77 14.81
N VAL A 173 12.06 9.73 13.90
CA VAL A 173 11.26 10.93 13.58
C VAL A 173 10.48 11.38 14.83
N LEU A 174 10.34 10.54 15.86
CA LEU A 174 9.67 10.96 17.11
C LEU A 174 10.56 11.93 17.90
N ASP A 175 11.85 11.96 17.64
CA ASP A 175 12.83 12.80 18.38
C ASP A 175 12.90 14.19 17.74
N GLU A 176 12.21 15.16 18.34
CA GLU A 176 12.17 16.57 17.87
C GLU A 176 13.59 17.16 17.90
N ASN A 177 14.48 16.63 18.73
CA ASN A 177 15.84 17.18 18.91
C ASN A 177 16.84 16.44 18.01
N SER A 178 16.39 15.58 17.10
CA SER A 178 17.34 14.80 16.26
C SER A 178 18.25 15.78 15.54
N THR A 179 19.53 15.45 15.47
CA THR A 179 20.55 16.20 14.71
C THR A 179 20.92 15.47 13.42
N GLU A 180 20.23 14.39 13.07
CA GLU A 180 20.55 13.59 11.85
C GLU A 180 19.86 14.24 10.67
N PRO A 181 20.58 14.69 9.63
CA PRO A 181 19.94 15.32 8.47
C PRO A 181 18.75 14.53 7.91
N ALA A 182 18.89 13.22 7.77
CA ALA A 182 17.85 12.38 7.12
C ALA A 182 16.60 12.35 8.01
N VAL A 183 16.78 12.43 9.33
CA VAL A 183 15.62 12.38 10.28
C VAL A 183 14.95 13.75 10.25
N GLN A 184 15.72 14.83 10.28
CA GLN A 184 15.13 16.18 10.17
C GLN A 184 14.39 16.32 8.83
N GLY A 185 14.97 15.80 7.75
CA GLY A 185 14.31 15.87 6.43
C GLY A 185 12.99 15.15 6.44
N ALA A 186 12.95 13.98 7.06
CA ALA A 186 11.72 13.18 7.14
C ALA A 186 10.68 13.91 7.99
N ARG A 187 11.08 14.43 9.16
CA ARG A 187 10.14 15.13 10.09
C ARG A 187 9.53 16.31 9.36
N ARG A 188 10.32 17.09 8.63
CA ARG A 188 9.83 18.33 7.99
C ARG A 188 8.87 17.95 6.87
N PHE A 189 9.21 16.92 6.08
CA PHE A 189 8.33 16.41 5.00
C PHE A 189 7.01 15.93 5.61
N ASN A 190 7.07 15.18 6.71
CA ASN A 190 5.85 14.60 7.33
C ASN A 190 4.95 15.72 7.83
N ALA A 191 5.55 16.74 8.45
CA ALA A 191 4.79 17.94 8.91
C ALA A 191 4.12 18.62 7.71
N MET A 192 4.85 18.79 6.62
CA MET A 192 4.32 19.39 5.37
C MET A 192 3.14 18.55 4.91
N LEU A 193 3.30 17.22 4.95
CA LEU A 193 2.27 16.35 4.41
C LEU A 193 1.00 16.46 5.26
N GLY A 194 1.14 16.52 6.59
CA GLY A 194 0.01 16.71 7.52
C GLY A 194 -0.70 18.04 7.29
N ALA A 195 -0.01 19.05 6.75
CA ALA A 195 -0.56 20.40 6.54
C ALA A 195 -1.10 20.56 5.11
N ASN A 196 -0.87 19.59 4.22
CA ASN A 196 -1.09 19.79 2.78
C ASN A 196 -2.55 19.52 2.44
N THR A 197 -3.23 20.49 1.82
CA THR A 197 -4.65 20.39 1.42
C THR A 197 -4.78 19.95 -0.03
N ALA A 198 -3.68 19.75 -0.78
CA ALA A 198 -3.72 19.38 -2.21
C ALA A 198 -3.79 17.85 -2.35
N VAL A 199 -3.54 17.10 -1.28
CA VAL A 199 -3.44 15.61 -1.38
C VAL A 199 -4.22 14.96 -0.23
N ASP A 200 -4.59 13.70 -0.45
CA ASP A 200 -5.02 12.73 0.60
C ASP A 200 -3.85 11.79 0.83
N ALA A 201 -3.42 11.59 2.07
CA ALA A 201 -2.16 10.87 2.30
C ALA A 201 -2.18 10.04 3.57
N THR A 202 -1.25 9.08 3.63
CA THR A 202 -0.97 8.30 4.85
C THR A 202 0.53 8.05 4.86
N ILE A 203 1.01 7.49 5.96
CA ILE A 203 2.38 6.92 6.03
C ILE A 203 2.21 5.45 6.42
N LEU A 204 2.82 4.55 5.66
CA LEU A 204 2.82 3.10 5.95
C LEU A 204 4.11 2.78 6.67
N GLN A 205 4.00 2.29 7.89
CA GLN A 205 5.16 1.72 8.61
C GLN A 205 5.61 0.46 7.87
N MET A 206 6.91 0.29 7.75
CA MET A 206 7.46 -0.89 7.03
C MET A 206 8.54 -1.57 7.83
N VAL A 207 8.45 -2.90 7.84
CA VAL A 207 9.47 -3.80 8.45
C VAL A 207 9.80 -4.90 7.45
N GLY A 208 10.94 -5.55 7.64
CA GLY A 208 11.40 -6.61 6.75
C GLY A 208 12.90 -6.73 6.79
N VAL A 209 13.51 -6.99 5.65
CA VAL A 209 14.98 -7.17 5.56
C VAL A 209 15.71 -5.85 5.85
N LYS A 210 15.09 -4.70 5.59
CA LYS A 210 15.73 -3.40 5.88
C LYS A 210 15.33 -2.91 7.28
N GLU A 211 16.07 -1.94 7.79
CA GLU A 211 15.76 -1.26 9.06
C GLU A 211 14.31 -0.77 9.01
N TYR A 212 13.60 -0.96 10.11
CA TYR A 212 12.26 -0.39 10.36
C TYR A 212 12.22 1.04 9.79
N ASP A 213 11.21 1.30 8.98
CA ASP A 213 11.09 2.61 8.29
C ASP A 213 9.64 2.76 7.82
N GLY A 214 9.42 3.50 6.76
CA GLY A 214 8.07 3.71 6.26
C GLY A 214 8.09 4.49 4.97
N MET A 215 6.98 4.44 4.26
CA MET A 215 6.78 5.18 3.00
C MET A 215 5.54 6.05 3.16
N ALA A 216 5.60 7.28 2.67
CA ALA A 216 4.40 8.13 2.56
C ALA A 216 3.73 7.85 1.22
N LEU A 217 2.39 7.80 1.23
CA LEU A 217 1.58 7.63 0.00
C LEU A 217 0.61 8.79 -0.06
N ALA A 218 0.57 9.49 -1.18
CA ALA A 218 -0.32 10.66 -1.34
C ALA A 218 -0.99 10.61 -2.70
N ILE A 219 -2.30 10.90 -2.74
CA ILE A 219 -3.05 11.02 -4.01
C ILE A 219 -3.43 12.48 -4.20
N VAL A 220 -3.06 13.03 -5.36
CA VAL A 220 -3.33 14.45 -5.71
C VAL A 220 -4.84 14.65 -5.96
N LYS A 221 -5.44 15.64 -5.29
CA LYS A 221 -6.90 15.91 -5.38
C LYS A 221 -7.18 16.70 -6.67
N ASN B 3 6.41 -4.16 21.07
CA ASN B 3 7.31 -2.98 21.25
C ASN B 3 6.45 -1.70 21.17
N GLN B 4 6.74 -0.76 22.08
CA GLN B 4 6.06 0.54 22.27
C GLN B 4 6.32 1.42 21.06
N ILE B 5 7.47 1.27 20.39
CA ILE B 5 7.87 2.25 19.34
C ILE B 5 6.81 2.23 18.24
N PHE B 6 6.27 1.06 17.87
CA PHE B 6 5.33 0.99 16.73
C PHE B 6 4.03 1.72 17.07
N GLU B 7 3.58 1.60 18.33
CA GLU B 7 2.36 2.30 18.80
C GLU B 7 2.61 3.81 18.80
N SER B 8 3.76 4.24 19.32
CA SER B 8 4.11 5.68 19.37
C SER B 8 4.18 6.26 17.94
N VAL B 9 4.81 5.53 17.04
CA VAL B 9 4.94 6.01 15.64
C VAL B 9 3.55 6.02 15.01
N ASP B 10 2.68 5.05 15.30
CA ASP B 10 1.31 5.06 14.71
C ASP B 10 0.56 6.33 15.17
N HIS B 11 0.67 6.71 16.44
CA HIS B 11 0.02 7.92 17.00
C HIS B 11 0.56 9.17 16.31
N TYR B 12 1.88 9.22 16.09
CA TYR B 12 2.54 10.30 15.35
C TYR B 12 1.91 10.40 13.97
N ILE B 13 1.78 9.26 13.29
CA ILE B 13 1.19 9.26 11.92
C ILE B 13 -0.28 9.68 11.96
N SER B 14 -1.09 9.15 12.87
CA SER B 14 -2.53 9.43 12.84
C SER B 14 -2.76 10.88 13.29
N ASP B 15 -1.90 11.45 14.13
CA ASP B 15 -1.94 12.89 14.52
C ASP B 15 -1.79 13.77 13.27
N LEU B 16 -0.99 13.33 12.30
CA LEU B 16 -0.75 14.08 11.04
C LEU B 16 -1.84 13.76 10.00
N LEU B 17 -2.19 12.48 9.82
CA LEU B 17 -2.85 11.96 8.59
C LEU B 17 -3.98 10.95 8.90
N GLY B 18 -4.35 10.79 10.16
CA GLY B 18 -5.34 9.75 10.55
C GLY B 18 -6.45 10.30 11.39
N TYR B 19 -6.92 11.52 11.12
CA TYR B 19 -8.04 12.13 11.86
C TYR B 19 -9.31 11.27 11.75
N GLU B 20 -9.92 11.02 12.91
CA GLU B 20 -11.21 10.29 13.03
C GLU B 20 -12.31 11.23 13.52
N ASP B 21 -13.35 11.37 12.71
CA ASP B 21 -14.57 12.13 13.07
C ASP B 21 -15.46 11.35 14.06
N ASP B 22 -16.55 11.99 14.45
CA ASP B 22 -17.50 11.43 15.44
C ASP B 22 -17.97 10.06 14.98
N ALA B 23 -18.34 9.90 13.71
CA ALA B 23 -18.89 8.61 13.22
C ALA B 23 -17.88 7.48 13.45
N LEU B 24 -16.59 7.70 13.18
CA LEU B 24 -15.58 6.62 13.33
C LEU B 24 -15.36 6.36 14.82
N LEU B 25 -15.26 7.41 15.64
CA LEU B 25 -15.04 7.25 17.10
C LEU B 25 -16.25 6.54 17.72
N ALA B 26 -17.46 6.87 17.26
CA ALA B 26 -18.70 6.24 17.75
C ALA B 26 -18.73 4.76 17.30
N ALA B 27 -18.21 4.42 16.12
CA ALA B 27 -18.15 3.00 15.70
C ALA B 27 -17.21 2.24 16.63
N THR B 28 -16.04 2.80 16.97
CA THR B 28 -15.13 2.14 17.93
C THR B 28 -15.83 1.98 19.29
N ASN B 29 -16.49 3.03 19.76
CA ASN B 29 -17.11 3.03 21.10
C ASN B 29 -18.22 1.97 21.15
N SER B 30 -18.88 1.70 20.02
CA SER B 30 -20.00 0.73 19.96
C SER B 30 -19.52 -0.70 20.29
N LEU B 31 -18.22 -1.02 20.12
CA LEU B 31 -17.75 -2.43 20.23
C LEU B 31 -17.94 -2.93 21.66
N ALA B 32 -17.41 -2.19 22.63
CA ALA B 32 -17.40 -2.64 24.04
C ALA B 32 -18.84 -2.83 24.52
N GLU B 33 -19.72 -1.92 24.14
CA GLU B 33 -21.14 -1.89 24.54
C GLU B 33 -21.86 -3.16 24.08
N ALA B 34 -21.41 -3.77 22.98
CA ALA B 34 -22.03 -4.96 22.36
C ALA B 34 -21.15 -6.20 22.57
N GLY B 35 -20.09 -6.14 23.36
CA GLY B 35 -19.29 -7.35 23.62
C GLY B 35 -18.54 -7.81 22.38
N MET B 36 -18.23 -6.89 21.48
CA MET B 36 -17.56 -7.21 20.19
C MET B 36 -16.05 -6.99 20.32
N PRO B 37 -15.26 -7.79 19.59
CA PRO B 37 -13.81 -7.71 19.66
C PRO B 37 -13.32 -6.37 19.10
N ALA B 38 -12.32 -5.80 19.75
CA ALA B 38 -11.72 -4.51 19.33
C ALA B 38 -10.67 -4.80 18.26
N ILE B 39 -11.11 -5.26 17.09
CA ILE B 39 -10.20 -5.80 16.04
C ILE B 39 -10.48 -5.08 14.71
N SER B 40 -11.16 -3.92 14.71
CA SER B 40 -11.27 -3.07 13.50
C SER B 40 -9.87 -2.80 12.95
N VAL B 41 -9.80 -2.45 11.68
CA VAL B 41 -8.55 -1.86 11.14
C VAL B 41 -8.20 -0.65 12.00
N SER B 42 -6.92 -0.36 12.14
CA SER B 42 -6.46 0.85 12.84
C SER B 42 -6.89 2.07 12.03
N PRO B 43 -6.88 3.27 12.65
CA PRO B 43 -7.14 4.49 11.88
C PRO B 43 -6.24 4.65 10.64
N ASN B 44 -4.94 4.34 10.77
CA ASN B 44 -3.99 4.54 9.65
C ASN B 44 -4.24 3.45 8.59
N GLN B 45 -4.58 2.23 9.01
CA GLN B 45 -4.98 1.19 8.04
C GLN B 45 -6.27 1.61 7.32
N GLY B 46 -7.23 2.24 8.04
CA GLY B 46 -8.47 2.76 7.42
C GLY B 46 -8.16 3.78 6.37
N LYS B 47 -7.24 4.69 6.67
CA LYS B 47 -6.85 5.73 5.70
C LYS B 47 -6.23 5.05 4.47
N PHE B 48 -5.35 4.08 4.71
CA PHE B 48 -4.72 3.31 3.62
C PHE B 48 -5.77 2.62 2.74
N LEU B 49 -6.77 1.94 3.32
CA LEU B 49 -7.84 1.29 2.50
C LEU B 49 -8.63 2.35 1.72
N GLN B 50 -8.86 3.52 2.31
CA GLN B 50 -9.57 4.64 1.63
C GLN B 50 -8.75 5.06 0.40
N LEU B 51 -7.44 5.18 0.58
CA LEU B 51 -6.56 5.63 -0.53
C LEU B 51 -6.55 4.57 -1.61
N LEU B 52 -6.48 3.30 -1.24
CA LEU B 52 -6.50 2.22 -2.25
C LEU B 52 -7.82 2.30 -3.02
N ALA B 53 -8.93 2.52 -2.35
CA ALA B 53 -10.24 2.66 -3.03
C ALA B 53 -10.18 3.84 -4.00
N GLN B 54 -9.56 4.97 -3.63
CA GLN B 54 -9.42 6.13 -4.54
C GLN B 54 -8.55 5.77 -5.73
N LEU B 55 -7.45 5.02 -5.52
CA LEU B 55 -6.54 4.61 -6.63
C LEU B 55 -7.31 3.72 -7.62
N CYS B 56 -8.19 2.86 -7.12
CA CYS B 56 -9.06 1.95 -7.94
C CYS B 56 -10.16 2.74 -8.67
N GLN B 57 -10.32 4.03 -8.38
CA GLN B 57 -11.51 4.85 -8.76
C GLN B 57 -12.78 4.04 -8.44
N ALA B 58 -12.84 3.50 -7.22
CA ALA B 58 -13.89 2.54 -6.84
C ALA B 58 -15.28 3.19 -6.91
N LYS B 59 -16.20 2.50 -7.57
CA LYS B 59 -17.67 2.81 -7.58
C LYS B 59 -18.45 1.67 -6.90
N ASN B 60 -17.86 0.48 -6.83
CA ASN B 60 -18.52 -0.74 -6.32
C ASN B 60 -17.49 -1.50 -5.48
N ILE B 61 -17.71 -1.62 -4.17
CA ILE B 61 -16.77 -2.29 -3.24
C ILE B 61 -17.51 -3.45 -2.56
N LEU B 62 -16.82 -4.56 -2.34
CA LEU B 62 -17.37 -5.71 -1.60
C LEU B 62 -16.49 -5.93 -0.38
N GLU B 63 -17.09 -6.06 0.79
CA GLU B 63 -16.33 -6.36 2.03
C GLU B 63 -16.90 -7.63 2.65
N LEU B 64 -16.01 -8.52 3.08
CA LEU B 64 -16.39 -9.71 3.85
C LEU B 64 -15.96 -9.45 5.28
N GLY B 65 -16.94 -9.37 6.18
CA GLY B 65 -16.64 -9.15 7.60
C GLY B 65 -16.84 -7.70 7.99
N THR B 66 -18.00 -7.37 8.52
CA THR B 66 -18.36 -5.97 8.81
C THR B 66 -17.91 -5.52 10.21
N LEU B 67 -18.07 -6.39 11.19
CA LEU B 67 -17.89 -6.04 12.61
C LEU B 67 -18.79 -4.83 12.92
N ALA B 68 -18.22 -3.70 13.33
CA ALA B 68 -19.00 -2.47 13.67
C ALA B 68 -19.05 -1.53 12.47
N GLY B 69 -18.46 -1.92 11.35
CA GLY B 69 -18.43 -1.10 10.14
C GLY B 69 -17.32 -0.04 10.15
N TYR B 70 -16.30 -0.20 10.97
CA TYR B 70 -15.20 0.79 11.02
C TYR B 70 -14.46 0.82 9.66
N SER B 71 -13.98 -0.33 9.18
CA SER B 71 -13.34 -0.41 7.85
C SER B 71 -14.34 0.07 6.79
N THR B 72 -15.62 -0.28 6.98
CA THR B 72 -16.70 0.00 6.01
C THR B 72 -16.81 1.52 5.81
N ILE B 73 -16.76 2.27 6.90
CA ILE B 73 -16.93 3.75 6.84
C ILE B 73 -15.73 4.36 6.10
N TRP B 74 -14.54 3.90 6.41
CA TRP B 74 -13.34 4.42 5.70
C TRP B 74 -13.46 4.18 4.19
N MET B 75 -13.78 2.96 3.76
CA MET B 75 -13.82 2.65 2.32
C MET B 75 -15.03 3.31 1.65
N ALA B 76 -16.18 3.30 2.30
CA ALA B 76 -17.39 3.91 1.68
C ALA B 76 -17.19 5.41 1.42
N ARG B 77 -16.40 6.09 2.25
CA ARG B 77 -16.13 7.54 2.10
C ARG B 77 -15.29 7.84 0.85
N ALA B 78 -14.73 6.83 0.19
CA ALA B 78 -13.97 7.02 -1.08
C ALA B 78 -14.96 7.00 -2.26
N LEU B 79 -16.17 6.49 -2.03
CA LEU B 79 -17.14 6.27 -3.13
C LEU B 79 -17.71 7.60 -3.60
N PRO B 80 -18.10 7.68 -4.89
CA PRO B 80 -18.99 8.77 -5.32
C PRO B 80 -20.36 8.53 -4.68
N LYS B 81 -21.25 9.51 -4.72
CA LYS B 81 -22.59 9.39 -4.08
C LYS B 81 -23.40 8.27 -4.72
N ASN B 82 -23.21 7.96 -6.02
CA ASN B 82 -23.94 6.87 -6.71
C ASN B 82 -23.18 5.54 -6.59
N GLY B 83 -22.12 5.49 -5.77
CA GLY B 83 -21.34 4.26 -5.54
C GLY B 83 -22.00 3.41 -4.47
N ARG B 84 -21.59 2.15 -4.39
CA ARG B 84 -22.19 1.16 -3.46
C ARG B 84 -21.08 0.32 -2.85
N LEU B 85 -21.24 0.02 -1.57
CA LEU B 85 -20.41 -0.96 -0.84
C LEU B 85 -21.36 -2.02 -0.28
N ILE B 86 -21.16 -3.27 -0.66
CA ILE B 86 -21.88 -4.43 -0.06
C ILE B 86 -20.94 -5.05 0.97
N THR B 87 -21.42 -5.25 2.18
CA THR B 87 -20.59 -5.84 3.27
C THR B 87 -21.35 -7.01 3.87
N LEU B 88 -20.65 -8.11 4.09
CA LEU B 88 -21.23 -9.40 4.51
C LEU B 88 -20.86 -9.66 5.97
N GLU B 89 -21.85 -10.01 6.79
CA GLU B 89 -21.66 -10.17 8.24
C GLU B 89 -22.50 -11.34 8.72
N TYR B 90 -21.85 -12.28 9.38
CA TYR B 90 -22.47 -13.52 9.87
C TYR B 90 -23.35 -13.23 11.10
N ASP B 91 -22.86 -12.40 12.02
CA ASP B 91 -23.49 -12.27 13.36
C ASP B 91 -24.55 -11.19 13.28
N PRO B 92 -25.85 -11.50 13.48
CA PRO B 92 -26.89 -10.47 13.41
C PRO B 92 -26.72 -9.31 14.39
N LYS B 93 -26.10 -9.56 15.55
CA LYS B 93 -25.81 -8.49 16.53
C LYS B 93 -24.80 -7.51 15.92
N HIS B 94 -23.75 -8.04 15.30
CA HIS B 94 -22.73 -7.18 14.65
C HIS B 94 -23.41 -6.39 13.53
N ALA B 95 -24.25 -7.03 12.71
CA ALA B 95 -24.91 -6.36 11.56
C ALA B 95 -25.75 -5.18 12.07
N ALA B 96 -26.48 -5.36 13.16
CA ALA B 96 -27.37 -4.30 13.70
C ALA B 96 -26.52 -3.13 14.25
N VAL B 97 -25.41 -3.43 14.91
CA VAL B 97 -24.49 -2.38 15.43
C VAL B 97 -23.90 -1.66 14.23
N ALA B 98 -23.41 -2.40 13.25
CA ALA B 98 -22.81 -1.79 12.03
C ALA B 98 -23.86 -0.89 11.35
N GLN B 99 -25.11 -1.31 11.26
CA GLN B 99 -26.17 -0.52 10.58
C GLN B 99 -26.34 0.83 11.29
N LYS B 100 -26.38 0.83 12.61
CA LYS B 100 -26.52 2.06 13.41
C LYS B 100 -25.32 2.98 13.12
N ASN B 101 -24.13 2.41 13.07
CA ASN B 101 -22.87 3.17 12.85
C ASN B 101 -22.85 3.73 11.43
N ILE B 102 -23.31 2.96 10.44
CA ILE B 102 -23.38 3.43 9.02
C ILE B 102 -24.41 4.56 8.94
N ASP B 103 -25.53 4.44 9.66
CA ASP B 103 -26.58 5.48 9.63
C ASP B 103 -26.01 6.74 10.29
N ARG B 104 -25.28 6.61 11.39
CA ARG B 104 -24.71 7.79 12.07
C ARG B 104 -23.74 8.49 11.11
N ALA B 105 -23.05 7.72 10.28
CA ALA B 105 -22.04 8.21 9.31
C ALA B 105 -22.70 8.81 8.05
N GLY B 106 -24.03 8.81 7.96
CA GLY B 106 -24.76 9.30 6.78
C GLY B 106 -24.54 8.44 5.54
N LEU B 107 -24.20 7.15 5.68
CA LEU B 107 -23.85 6.27 4.55
C LEU B 107 -24.95 5.25 4.27
N THR B 108 -26.15 5.44 4.81
CA THR B 108 -27.24 4.45 4.71
C THR B 108 -27.52 4.11 3.25
N SER B 109 -27.52 5.11 2.35
CA SER B 109 -27.90 4.90 0.93
C SER B 109 -26.74 4.25 0.14
N GLN B 110 -25.50 4.27 0.63
CA GLN B 110 -24.31 3.80 -0.13
C GLN B 110 -23.93 2.39 0.32
N VAL B 111 -24.32 1.97 1.53
CA VAL B 111 -23.84 0.70 2.16
C VAL B 111 -25.01 -0.26 2.35
N GLN B 112 -24.87 -1.48 1.82
CA GLN B 112 -25.84 -2.57 1.98
C GLN B 112 -25.15 -3.61 2.87
N ILE B 113 -25.70 -3.84 4.06
CA ILE B 113 -25.22 -4.90 4.97
C ILE B 113 -26.07 -6.16 4.73
N ARG B 114 -25.43 -7.24 4.30
CA ARG B 114 -26.12 -8.55 4.14
C ARG B 114 -25.72 -9.48 5.27
N THR B 115 -26.71 -10.03 5.97
CA THR B 115 -26.48 -10.90 7.13
C THR B 115 -26.47 -12.36 6.67
N GLY B 116 -25.43 -13.11 7.00
CA GLY B 116 -25.35 -14.54 6.72
C GLY B 116 -23.91 -14.96 6.58
N LYS B 117 -23.68 -16.24 6.29
CA LYS B 117 -22.31 -16.74 6.02
C LYS B 117 -21.85 -16.19 4.68
N ALA B 118 -20.62 -15.68 4.61
CA ALA B 118 -20.04 -15.22 3.33
C ALA B 118 -20.11 -16.32 2.28
N ILE B 119 -19.88 -17.58 2.63
CA ILE B 119 -19.80 -18.68 1.62
C ILE B 119 -21.19 -18.94 1.04
N ASP B 120 -22.25 -18.53 1.74
CA ASP B 120 -23.64 -18.68 1.25
C ASP B 120 -24.03 -17.47 0.39
N ILE B 121 -23.56 -16.26 0.74
CA ILE B 121 -23.96 -15.01 0.06
C ILE B 121 -23.15 -14.83 -1.23
N LEU B 122 -21.87 -15.24 -1.26
CA LEU B 122 -21.02 -14.96 -2.46
C LEU B 122 -21.66 -15.57 -3.70
N PRO B 123 -22.12 -16.84 -3.69
CA PRO B 123 -22.80 -17.41 -4.86
C PRO B 123 -24.08 -16.66 -5.24
N GLN B 124 -24.79 -16.12 -4.25
CA GLN B 124 -26.01 -15.28 -4.51
C GLN B 124 -25.58 -14.05 -5.30
N LEU B 125 -24.48 -13.41 -4.89
CA LEU B 125 -23.99 -12.17 -5.54
C LEU B 125 -23.66 -12.50 -7.02
N VAL B 126 -23.06 -13.66 -7.29
CA VAL B 126 -22.75 -14.06 -8.69
C VAL B 126 -24.07 -14.25 -9.45
N GLU B 127 -25.04 -14.97 -8.85
CA GLU B 127 -26.35 -15.23 -9.51
C GLU B 127 -27.05 -13.89 -9.79
N GLU B 128 -26.97 -12.92 -8.87
CA GLU B 128 -27.61 -11.58 -9.00
C GLU B 128 -26.85 -10.68 -9.98
N GLY B 129 -25.63 -11.02 -10.40
CA GLY B 129 -24.77 -10.13 -11.22
C GLY B 129 -24.44 -8.84 -10.50
N ALA B 130 -24.10 -8.91 -9.20
CA ALA B 130 -23.77 -7.73 -8.35
C ALA B 130 -22.39 -7.16 -8.73
N GLY B 131 -21.52 -7.99 -9.29
CA GLY B 131 -20.17 -7.54 -9.65
C GLY B 131 -20.22 -6.75 -10.96
N PRO B 132 -19.05 -6.43 -11.56
CA PRO B 132 -17.77 -6.62 -10.89
C PRO B 132 -17.51 -5.52 -9.86
N PHE B 133 -16.79 -5.88 -8.81
CA PHE B 133 -16.33 -4.93 -7.78
C PHE B 133 -14.96 -4.40 -8.17
N ASP B 134 -14.77 -3.12 -7.93
CA ASP B 134 -13.50 -2.39 -8.18
C ASP B 134 -12.50 -2.79 -7.10
N MET B 135 -12.97 -3.02 -5.90
CA MET B 135 -12.09 -3.35 -4.75
C MET B 135 -12.87 -4.32 -3.88
N ILE B 136 -12.18 -5.32 -3.35
CA ILE B 136 -12.79 -6.37 -2.47
C ILE B 136 -11.91 -6.49 -1.25
N PHE B 137 -12.50 -6.36 -0.07
CA PHE B 137 -11.76 -6.45 1.20
C PHE B 137 -12.21 -7.74 1.90
N ILE B 138 -11.30 -8.72 1.97
CA ILE B 138 -11.58 -10.02 2.63
C ILE B 138 -11.13 -9.93 4.09
N ASP B 139 -12.08 -9.97 5.02
CA ASP B 139 -11.74 -9.76 6.45
C ASP B 139 -12.74 -10.47 7.34
N ALA B 140 -13.15 -11.65 6.95
CA ALA B 140 -14.12 -12.40 7.78
C ALA B 140 -13.38 -13.46 8.60
N ASP B 141 -13.98 -14.63 8.81
CA ASP B 141 -13.23 -15.73 9.44
C ASP B 141 -12.10 -16.16 8.50
N LYS B 142 -11.04 -16.70 9.07
CA LYS B 142 -9.76 -16.88 8.35
C LYS B 142 -9.64 -18.25 7.69
N PRO B 143 -10.12 -19.38 8.28
CA PRO B 143 -9.97 -20.68 7.58
C PRO B 143 -10.44 -20.70 6.14
N PRO B 144 -11.58 -20.09 5.76
CA PRO B 144 -12.04 -20.13 4.37
C PRO B 144 -11.48 -19.02 3.46
N TYR B 145 -10.47 -18.28 3.90
CA TYR B 145 -9.91 -17.19 3.06
C TYR B 145 -9.68 -17.72 1.64
N THR B 146 -9.08 -18.90 1.54
CA THR B 146 -8.70 -19.47 0.22
C THR B 146 -9.91 -19.52 -0.69
N GLU B 147 -11.06 -19.97 -0.16
CA GLU B 147 -12.29 -20.13 -0.96
C GLU B 147 -12.93 -18.76 -1.16
N TYR B 148 -12.88 -17.87 -0.16
CA TYR B 148 -13.37 -16.49 -0.33
C TYR B 148 -12.65 -15.81 -1.50
N PHE B 149 -11.34 -16.04 -1.65
CA PHE B 149 -10.57 -15.43 -2.76
C PHE B 149 -11.07 -15.95 -4.11
N GLN B 150 -11.39 -17.24 -4.21
CA GLN B 150 -11.87 -17.83 -5.49
C GLN B 150 -13.20 -17.16 -5.89
N TRP B 151 -14.10 -16.94 -4.93
CA TRP B 151 -15.36 -16.22 -5.22
C TRP B 151 -15.09 -14.75 -5.57
N ALA B 152 -14.18 -14.12 -4.87
CA ALA B 152 -13.78 -12.72 -5.18
C ALA B 152 -13.35 -12.60 -6.65
N LEU B 153 -12.59 -13.57 -7.18
CA LEU B 153 -12.14 -13.56 -8.60
C LEU B 153 -13.37 -13.65 -9.50
N ARG B 154 -14.38 -14.45 -9.13
CA ARG B 154 -15.62 -14.58 -9.94
C ARG B 154 -16.39 -13.24 -9.94
N LEU B 155 -16.15 -12.37 -8.95
CA LEU B 155 -16.86 -11.06 -8.84
C LEU B 155 -15.93 -9.90 -9.18
N SER B 156 -14.82 -10.18 -9.88
CA SER B 156 -13.80 -9.17 -10.22
C SER B 156 -13.90 -8.78 -11.70
N ARG B 157 -13.23 -7.67 -12.02
CA ARG B 157 -12.89 -7.17 -13.39
C ARG B 157 -11.37 -7.21 -13.52
N PRO B 158 -10.76 -7.21 -14.73
CA PRO B 158 -9.35 -6.92 -14.85
C PRO B 158 -9.06 -5.59 -14.14
N GLY B 159 -8.03 -5.53 -13.31
CA GLY B 159 -7.67 -4.33 -12.55
C GLY B 159 -8.29 -4.32 -11.15
N THR B 160 -9.24 -5.21 -10.83
CA THR B 160 -9.83 -5.23 -9.46
C THR B 160 -8.70 -5.43 -8.43
N LEU B 161 -8.75 -4.69 -7.32
CA LEU B 161 -7.84 -4.86 -6.18
C LEU B 161 -8.53 -5.72 -5.14
N ILE B 162 -7.90 -6.82 -4.76
CA ILE B 162 -8.39 -7.68 -3.66
C ILE B 162 -7.41 -7.52 -2.52
N VAL B 163 -7.91 -7.11 -1.35
CA VAL B 163 -7.08 -6.97 -0.13
C VAL B 163 -7.59 -8.02 0.86
N ALA B 164 -6.67 -8.76 1.47
CA ALA B 164 -7.01 -9.75 2.51
C ALA B 164 -6.29 -9.37 3.81
N ASP B 165 -7.02 -9.15 4.89
CA ASP B 165 -6.42 -8.72 6.18
C ASP B 165 -5.97 -9.92 7.04
N ASN B 166 -4.94 -9.70 7.85
CA ASN B 166 -4.53 -10.58 8.96
C ASN B 166 -3.91 -11.86 8.41
N VAL B 167 -2.95 -11.75 7.50
CA VAL B 167 -2.32 -12.96 6.88
C VAL B 167 -0.89 -13.21 7.39
N ILE B 168 -0.41 -12.50 8.42
CA ILE B 168 0.95 -12.71 9.03
C ILE B 168 0.85 -13.17 10.49
N ARG B 169 -0.11 -12.64 11.26
CA ARG B 169 -0.42 -13.12 12.64
C ARG B 169 0.83 -13.21 13.52
N ASP B 170 1.51 -12.08 13.72
CA ASP B 170 2.66 -11.95 14.66
C ASP B 170 3.80 -12.87 14.21
N GLY B 171 3.86 -13.22 12.93
CA GLY B 171 4.90 -14.11 12.39
C GLY B 171 4.59 -15.58 12.59
N LYS B 172 3.43 -15.92 13.17
CA LYS B 172 3.09 -17.34 13.44
C LYS B 172 2.88 -18.10 12.12
N VAL B 173 2.68 -17.42 11.00
CA VAL B 173 2.54 -18.12 9.69
C VAL B 173 3.86 -18.82 9.34
N LEU B 174 4.96 -18.51 10.02
CA LEU B 174 6.25 -19.21 9.79
C LEU B 174 6.20 -20.61 10.40
N ASP B 175 5.20 -20.90 11.25
CA ASP B 175 5.15 -22.16 12.04
C ASP B 175 4.32 -23.19 11.26
N GLU B 176 4.96 -24.11 10.54
CA GLU B 176 4.30 -25.19 9.75
C GLU B 176 3.43 -26.07 10.67
N ASN B 177 3.76 -26.16 11.97
CA ASN B 177 3.05 -27.02 12.95
C ASN B 177 2.09 -26.20 13.80
N SER B 178 1.71 -25.00 13.38
CA SER B 178 0.75 -24.18 14.16
C SER B 178 -0.52 -24.99 14.41
N THR B 179 -1.06 -24.96 15.63
CA THR B 179 -2.35 -25.63 15.96
C THR B 179 -3.50 -24.63 15.86
N GLU B 180 -3.25 -23.39 15.44
CA GLU B 180 -4.26 -22.30 15.49
C GLU B 180 -4.97 -22.25 14.15
N PRO B 181 -6.29 -22.50 14.07
CA PRO B 181 -7.00 -22.48 12.80
C PRO B 181 -6.82 -21.19 11.98
N ALA B 182 -6.78 -20.01 12.61
CA ALA B 182 -6.63 -18.74 11.85
C ALA B 182 -5.23 -18.67 11.24
N VAL B 183 -4.22 -19.19 11.93
CA VAL B 183 -2.82 -19.24 11.40
C VAL B 183 -2.79 -20.25 10.25
N GLN B 184 -3.44 -21.41 10.42
CA GLN B 184 -3.46 -22.42 9.34
C GLN B 184 -4.18 -21.81 8.12
N GLY B 185 -5.27 -21.06 8.35
CA GLY B 185 -6.03 -20.43 7.27
C GLY B 185 -5.20 -19.42 6.51
N ALA B 186 -4.42 -18.61 7.23
CA ALA B 186 -3.54 -17.61 6.60
C ALA B 186 -2.45 -18.32 5.79
N ARG B 187 -1.84 -19.38 6.33
CA ARG B 187 -0.75 -20.09 5.62
C ARG B 187 -1.31 -20.69 4.32
N ARG B 188 -2.53 -21.24 4.36
CA ARG B 188 -3.13 -21.89 3.18
C ARG B 188 -3.43 -20.81 2.15
N PHE B 189 -4.01 -19.69 2.59
CA PHE B 189 -4.33 -18.55 1.71
C PHE B 189 -3.04 -18.03 1.06
N ASN B 190 -1.99 -17.87 1.84
CA ASN B 190 -0.72 -17.28 1.34
C ASN B 190 -0.11 -18.24 0.30
N ALA B 191 -0.17 -19.54 0.56
CA ALA B 191 0.30 -20.57 -0.41
C ALA B 191 -0.51 -20.47 -1.70
N MET B 192 -1.83 -20.35 -1.60
CA MET B 192 -2.74 -20.21 -2.76
C MET B 192 -2.32 -18.98 -3.57
N LEU B 193 -2.06 -17.87 -2.87
CA LEU B 193 -1.73 -16.60 -3.55
C LEU B 193 -0.38 -16.77 -4.28
N GLY B 194 0.58 -17.44 -3.67
CA GLY B 194 1.88 -17.77 -4.29
C GLY B 194 1.73 -18.60 -5.54
N ALA B 195 0.67 -19.41 -5.66
CA ALA B 195 0.42 -20.34 -6.77
C ALA B 195 -0.52 -19.73 -7.79
N ASN B 196 -1.07 -18.55 -7.52
CA ASN B 196 -2.19 -18.02 -8.33
C ASN B 196 -1.65 -17.34 -9.59
N THR B 197 -2.21 -17.64 -10.75
CA THR B 197 -1.77 -17.07 -12.05
C THR B 197 -2.72 -15.96 -12.51
N ALA B 198 -3.79 -15.71 -11.77
CA ALA B 198 -4.85 -14.76 -12.16
C ALA B 198 -4.57 -13.34 -11.62
N VAL B 199 -3.63 -13.21 -10.69
CA VAL B 199 -3.34 -11.93 -9.99
C VAL B 199 -1.83 -11.68 -9.95
N ASP B 200 -1.47 -10.42 -9.83
CA ASP B 200 -0.15 -9.97 -9.33
C ASP B 200 -0.35 -9.58 -7.86
N ALA B 201 0.48 -10.05 -6.94
CA ALA B 201 0.23 -9.85 -5.49
C ALA B 201 1.50 -9.67 -4.67
N THR B 202 1.33 -9.09 -3.48
CA THR B 202 2.36 -9.04 -2.42
C THR B 202 1.66 -9.18 -1.09
N ILE B 203 2.45 -9.29 -0.05
CA ILE B 203 1.99 -9.20 1.35
C ILE B 203 2.76 -8.01 1.94
N LEU B 204 2.02 -7.10 2.54
CA LEU B 204 2.60 -5.96 3.32
C LEU B 204 2.60 -6.33 4.80
N GLN B 205 3.79 -6.41 5.39
CA GLN B 205 3.89 -6.51 6.86
C GLN B 205 3.42 -5.18 7.46
N MET B 206 2.71 -5.28 8.57
CA MET B 206 2.06 -4.10 9.19
C MET B 206 2.33 -4.12 10.68
N VAL B 207 2.75 -2.97 11.18
CA VAL B 207 2.96 -2.75 12.62
C VAL B 207 2.26 -1.45 12.99
N GLY B 208 2.08 -1.24 14.29
CA GLY B 208 1.39 -0.03 14.77
C GLY B 208 0.68 -0.29 16.08
N VAL B 209 -0.50 0.29 16.24
CA VAL B 209 -1.29 0.15 17.48
C VAL B 209 -1.78 -1.29 17.66
N LYS B 210 -1.99 -2.04 16.58
CA LYS B 210 -2.48 -3.44 16.69
C LYS B 210 -1.28 -4.39 16.75
N GLU B 211 -1.56 -5.65 17.04
CA GLU B 211 -0.52 -6.72 17.00
C GLU B 211 0.11 -6.76 15.60
N TYR B 212 1.41 -7.03 15.55
CA TYR B 212 2.16 -7.25 14.29
C TYR B 212 1.37 -8.20 13.39
N ASP B 213 1.13 -7.81 12.15
CA ASP B 213 0.33 -8.61 11.22
C ASP B 213 0.67 -8.23 9.78
N GLY B 214 -0.25 -8.39 8.84
CA GLY B 214 0.01 -8.07 7.43
C GLY B 214 -1.26 -8.14 6.63
N MET B 215 -1.26 -7.53 5.45
CA MET B 215 -2.38 -7.60 4.51
C MET B 215 -1.81 -8.07 3.17
N ALA B 216 -2.55 -8.93 2.48
CA ALA B 216 -2.23 -9.31 1.10
C ALA B 216 -2.92 -8.30 0.19
N LEU B 217 -2.22 -7.84 -0.86
CA LEU B 217 -2.76 -6.96 -1.93
C LEU B 217 -2.61 -7.73 -3.24
N ALA B 218 -3.69 -7.89 -4.00
CA ALA B 218 -3.70 -8.66 -5.27
C ALA B 218 -4.43 -7.85 -6.33
N ILE B 219 -3.82 -7.70 -7.49
CA ILE B 219 -4.49 -7.06 -8.66
C ILE B 219 -4.81 -8.12 -9.69
N VAL B 220 -6.07 -8.18 -10.10
CA VAL B 220 -6.54 -9.17 -11.10
C VAL B 220 -5.96 -8.75 -12.45
N LYS B 221 -5.33 -9.67 -13.17
CA LYS B 221 -4.53 -9.30 -14.38
C LYS B 221 -5.41 -8.67 -15.46
MG MG C . 15.07 4.55 -0.25
C1 GOL D . 6.12 -3.58 4.40
O1 GOL D . 6.20 -3.70 5.83
C2 GOL D . 7.19 -4.34 3.66
O2 GOL D . 8.51 -3.83 3.93
C3 GOL D . 7.16 -5.82 3.94
O3 GOL D . 5.94 -6.42 3.50
N SAH E . 15.36 4.32 -5.44
CA SAH E . 16.62 3.56 -5.36
CB SAH E . 17.48 4.06 -4.19
CG SAH E . 17.86 5.50 -4.27
SD SAH E . 19.21 5.72 -3.04
C SAH E . 16.23 2.09 -5.18
O SAH E . 16.76 1.29 -5.87
OXT SAH E . 15.43 1.87 -4.34
C5' SAH E . 19.39 7.54 -3.09
C4' SAH E . 19.97 8.00 -4.40
O4' SAH E . 19.77 9.41 -4.46
C3' SAH E . 21.50 7.79 -4.58
O3' SAH E . 21.82 7.13 -5.79
C2' SAH E . 22.06 9.22 -4.57
O2' SAH E . 23.21 9.38 -5.36
C1' SAH E . 20.87 9.98 -5.10
N9 SAH E . 20.89 11.40 -4.85
C8 SAH E . 21.47 12.06 -3.80
N7 SAH E . 21.34 13.34 -3.87
C5 SAH E . 20.62 13.57 -5.03
C6 SAH E . 20.14 14.74 -5.65
N6 SAH E . 20.36 15.96 -5.20
N1 SAH E . 19.47 14.59 -6.80
C2 SAH E . 19.27 13.36 -7.27
N3 SAH E . 19.68 12.21 -6.78
C4 SAH E . 20.33 12.37 -5.63
MG MG F . -9.16 -7.68 10.26
C1 GOL G . 0.91 1.57 9.94
O1 GOL G . 1.38 2.59 9.06
C2 GOL G . 0.32 0.37 9.21
O2 GOL G . -0.15 -0.58 10.18
C3 GOL G . 1.28 -0.26 8.23
O3 GOL G . 2.45 -0.84 8.84
N SAH H . -13.55 -5.45 8.62
CA SAH H . -13.86 -5.06 10.02
CB SAH H . -13.47 -6.17 11.00
CG SAH H . -14.12 -7.49 10.70
SD SAH H . -13.81 -8.65 12.10
C SAH H . -13.10 -3.77 10.35
O SAH H . -13.74 -2.91 10.86
OXT SAH H . -11.94 -3.74 10.10
C5' SAH H . -14.37 -10.22 11.36
C4' SAH H . -15.88 -10.21 11.21
O4' SAH H . -16.22 -11.35 10.40
C3' SAH H . -16.73 -10.33 12.48
O3' SAH H . -17.77 -9.38 12.44
C2' SAH H . -17.35 -11.74 12.37
O2' SAH H . -18.61 -11.87 12.97
C1' SAH H . -17.43 -11.87 10.85
N9 SAH H . -17.58 -13.23 10.36
C8 SAH H . -17.10 -14.38 10.91
N7 SAH H . -17.39 -15.44 10.22
C5 SAH H . -18.08 -14.97 9.13
C6 SAH H . -18.66 -15.59 8.02
N6 SAH H . -18.67 -16.91 7.83
N1 SAH H . -19.27 -14.82 7.10
C2 SAH H . -19.31 -13.51 7.30
N3 SAH H . -18.83 -12.82 8.32
C4 SAH H . -18.20 -13.60 9.19
#